data_7BZA
#
_entry.id   7BZA
#
_entity_poly.entity_id   1
_entity_poly.type   'polypeptide(L)'
_entity_poly.pdbx_seq_one_letter_code
;LVVIVQADWNAPGWF
;
_entity_poly.pdbx_strand_id   A
#
# COMPACT_ATOMS: atom_id res chain seq x y z
N LEU A 1 0.48 3.69 -0.58
CA LEU A 1 -0.63 4.48 -1.11
C LEU A 1 -1.45 3.73 -2.19
N VAL A 2 -1.09 2.50 -2.50
CA VAL A 2 -1.83 1.72 -3.49
C VAL A 2 -2.47 0.48 -2.86
N VAL A 3 -2.40 -0.68 -3.53
CA VAL A 3 -3.04 -1.90 -3.02
C VAL A 3 -2.08 -3.12 -3.12
N ILE A 4 -0.90 -2.90 -3.70
CA ILE A 4 0.07 -3.99 -3.90
C ILE A 4 1.08 -4.04 -2.76
N VAL A 5 1.25 -5.23 -2.19
CA VAL A 5 2.21 -5.48 -1.10
C VAL A 5 1.80 -4.78 0.22
N GLN A 6 1.61 -5.61 1.27
CA GLN A 6 1.15 -5.22 2.61
C GLN A 6 0.36 -3.92 2.68
N ALA A 7 1.04 -2.79 2.96
CA ALA A 7 0.36 -1.51 3.08
C ALA A 7 1.33 -0.35 3.16
N ASP A 8 0.99 0.76 2.53
CA ASP A 8 1.85 1.93 2.51
C ASP A 8 1.47 2.90 3.62
N TRP A 9 1.79 4.17 3.43
CA TRP A 9 1.52 5.23 4.39
C TRP A 9 0.04 5.25 4.82
N ASN A 10 -0.83 4.74 3.97
CA ASN A 10 -2.27 4.78 4.26
C ASN A 10 -3.02 3.61 3.63
N ALA A 11 -2.84 3.44 2.34
CA ALA A 11 -3.50 2.39 1.58
C ALA A 11 -2.77 1.05 1.76
N PRO A 12 -3.41 -0.07 1.35
CA PRO A 12 -2.86 -1.42 1.55
C PRO A 12 -1.86 -1.81 0.47
N GLY A 13 -1.18 -0.85 -0.09
CA GLY A 13 -0.18 -1.17 -1.09
C GLY A 13 0.98 -0.22 -1.11
N TRP A 14 2.17 -0.78 -1.21
CA TRP A 14 3.42 -0.05 -1.24
C TRP A 14 3.84 0.39 -2.65
N PHE A 15 3.23 -0.17 -3.70
CA PHE A 15 3.68 0.11 -5.06
C PHE A 15 2.97 1.31 -5.69
N LEU A 1 0.48 3.67 -0.58
CA LEU A 1 -0.64 4.43 -1.12
C LEU A 1 -1.47 3.65 -2.17
N VAL A 2 -1.03 2.47 -2.56
CA VAL A 2 -1.79 1.68 -3.53
C VAL A 2 -2.44 0.46 -2.86
N VAL A 3 -2.45 -0.68 -3.54
CA VAL A 3 -3.11 -1.88 -2.99
C VAL A 3 -2.18 -3.11 -3.15
N ILE A 4 -0.97 -2.87 -3.65
CA ILE A 4 -0.02 -3.96 -3.89
C ILE A 4 1.04 -4.02 -2.78
N VAL A 5 1.18 -5.19 -2.19
CA VAL A 5 2.16 -5.45 -1.12
C VAL A 5 1.78 -4.76 0.20
N GLN A 6 1.62 -5.59 1.24
CA GLN A 6 1.26 -5.20 2.61
C GLN A 6 0.43 -3.92 2.74
N ALA A 7 1.08 -2.77 2.95
CA ALA A 7 0.35 -1.51 3.10
C ALA A 7 1.32 -0.35 3.17
N ASP A 8 0.98 0.75 2.52
CA ASP A 8 1.84 1.91 2.52
C ASP A 8 1.47 2.86 3.66
N TRP A 9 1.77 4.13 3.47
CA TRP A 9 1.50 5.16 4.47
C TRP A 9 0.02 5.26 4.82
N ASN A 10 -0.85 4.74 3.95
CA ASN A 10 -2.29 4.84 4.18
C ASN A 10 -3.05 3.67 3.58
N ALA A 11 -2.86 3.45 2.30
CA ALA A 11 -3.52 2.38 1.57
C ALA A 11 -2.77 1.05 1.76
N PRO A 12 -3.38 -0.09 1.37
CA PRO A 12 -2.82 -1.42 1.59
C PRO A 12 -1.82 -1.83 0.51
N GLY A 13 -1.15 -0.86 -0.07
CA GLY A 13 -0.15 -1.18 -1.07
C GLY A 13 1.01 -0.22 -1.10
N TRP A 14 2.20 -0.78 -1.22
CA TRP A 14 3.44 -0.03 -1.26
C TRP A 14 3.88 0.37 -2.67
N PHE A 15 3.24 -0.17 -3.71
CA PHE A 15 3.69 0.08 -5.08
C PHE A 15 3.11 1.37 -5.67
N LEU A 1 0.48 3.65 -0.56
CA LEU A 1 -0.62 4.44 -1.07
C LEU A 1 -1.45 3.71 -2.15
N VAL A 2 -1.12 2.47 -2.45
CA VAL A 2 -1.89 1.70 -3.44
C VAL A 2 -2.50 0.44 -2.81
N VAL A 3 -2.46 -0.69 -3.51
CA VAL A 3 -3.05 -1.92 -2.97
C VAL A 3 -2.07 -3.12 -3.06
N ILE A 4 -0.92 -2.91 -3.70
CA ILE A 4 0.07 -4.00 -3.90
C ILE A 4 1.09 -4.03 -2.75
N VAL A 5 1.28 -5.22 -2.17
CA VAL A 5 2.23 -5.45 -1.07
C VAL A 5 1.82 -4.76 0.24
N GLN A 6 1.56 -5.61 1.26
CA GLN A 6 1.12 -5.24 2.60
C GLN A 6 0.35 -3.92 2.70
N ALA A 7 1.04 -2.80 2.98
CA ALA A 7 0.34 -1.52 3.13
C ALA A 7 1.32 -0.37 3.22
N ASP A 8 0.99 0.73 2.56
CA ASP A 8 1.86 1.90 2.54
C ASP A 8 1.49 2.87 3.66
N TRP A 9 1.80 4.14 3.46
CA TRP A 9 1.53 5.20 4.42
C TRP A 9 0.04 5.26 4.79
N ASN A 10 -0.82 4.76 3.91
CA ASN A 10 -2.27 4.81 4.13
C ASN A 10 -2.97 3.60 3.54
N ALA A 11 -2.89 3.46 2.24
CA ALA A 11 -3.53 2.39 1.52
C ALA A 11 -2.76 1.07 1.69
N PRO A 12 -3.38 -0.08 1.35
CA PRO A 12 -2.79 -1.41 1.57
C PRO A 12 -1.81 -1.80 0.48
N GLY A 13 -1.16 -0.83 -0.11
CA GLY A 13 -0.18 -1.14 -1.12
C GLY A 13 1.01 -0.21 -1.15
N TRP A 14 2.18 -0.79 -1.25
CA TRP A 14 3.44 -0.09 -1.29
C TRP A 14 3.89 0.29 -2.71
N PHE A 15 3.16 -0.11 -3.73
CA PHE A 15 3.57 0.17 -5.10
C PHE A 15 3.08 1.52 -5.58
N LEU A 1 0.48 3.92 -0.47
CA LEU A 1 -0.64 4.69 -0.96
C LEU A 1 -1.32 4.01 -2.14
N VAL A 2 -1.00 2.76 -2.37
CA VAL A 2 -1.60 1.98 -3.44
C VAL A 2 -2.26 0.70 -2.90
N VAL A 3 -2.11 -0.44 -3.60
CA VAL A 3 -2.81 -1.67 -3.17
C VAL A 3 -1.86 -2.91 -3.13
N ILE A 4 -0.76 -2.85 -3.89
CA ILE A 4 0.18 -3.98 -3.96
C ILE A 4 1.19 -3.97 -2.81
N VAL A 5 1.40 -5.15 -2.22
CA VAL A 5 2.34 -5.35 -1.11
C VAL A 5 1.90 -4.66 0.20
N GLN A 6 1.74 -5.49 1.26
CA GLN A 6 1.30 -5.10 2.60
C GLN A 6 0.44 -3.84 2.69
N ALA A 7 1.07 -2.68 2.89
CA ALA A 7 0.32 -1.42 3.03
C ALA A 7 1.28 -0.26 3.17
N ASP A 8 0.99 0.83 2.47
CA ASP A 8 1.85 2.00 2.52
C ASP A 8 1.48 2.90 3.70
N TRP A 9 1.70 4.20 3.53
CA TRP A 9 1.40 5.18 4.56
C TRP A 9 -0.07 5.10 5.04
N ASN A 10 -0.94 4.59 4.17
CA ASN A 10 -2.37 4.52 4.53
C ASN A 10 -3.09 3.44 3.73
N ALA A 11 -2.89 3.44 2.43
CA ALA A 11 -3.51 2.47 1.55
C ALA A 11 -2.84 1.10 1.74
N PRO A 12 -3.49 0.02 1.28
CA PRO A 12 -3.03 -1.35 1.52
C PRO A 12 -1.96 -1.79 0.54
N GLY A 13 -1.24 -0.85 -0.02
CA GLY A 13 -0.19 -1.22 -0.93
C GLY A 13 0.92 -0.21 -1.04
N TRP A 14 2.11 -0.72 -1.26
CA TRP A 14 3.31 0.06 -1.45
C TRP A 14 3.63 0.22 -2.94
N PHE A 15 3.19 -0.73 -3.76
CA PHE A 15 3.52 -0.72 -5.19
C PHE A 15 2.37 -0.22 -6.04
N LEU A 1 0.53 3.76 -0.57
CA LEU A 1 -0.57 4.55 -1.09
C LEU A 1 -1.31 3.85 -2.25
N VAL A 2 -1.11 2.57 -2.42
CA VAL A 2 -1.81 1.79 -3.44
C VAL A 2 -2.43 0.51 -2.86
N VAL A 3 -2.36 -0.62 -3.57
CA VAL A 3 -2.99 -1.86 -3.09
C VAL A 3 -2.01 -3.07 -3.10
N ILE A 4 -0.92 -2.98 -3.87
CA ILE A 4 0.06 -4.09 -3.97
C ILE A 4 0.99 -4.12 -2.74
N VAL A 5 1.34 -5.33 -2.28
CA VAL A 5 2.21 -5.51 -1.08
C VAL A 5 1.39 -5.21 0.21
N GLN A 6 2.01 -5.37 1.41
CA GLN A 6 1.30 -5.18 2.69
C GLN A 6 0.46 -3.91 2.76
N ALA A 7 1.09 -2.75 2.98
CA ALA A 7 0.36 -1.48 3.07
C ALA A 7 1.31 -0.31 3.19
N ASP A 8 1.00 0.79 2.51
CA ASP A 8 1.86 1.96 2.52
C ASP A 8 1.48 2.91 3.65
N TRP A 9 1.77 4.19 3.44
CA TRP A 9 1.48 5.24 4.41
C TRP A 9 0.01 5.22 4.84
N ASN A 10 -0.86 4.67 4.01
CA ASN A 10 -2.29 4.63 4.33
C ASN A 10 -2.97 3.46 3.63
N ALA A 11 -2.91 3.47 2.31
CA ALA A 11 -3.52 2.43 1.50
C ALA A 11 -2.81 1.09 1.72
N PRO A 12 -3.45 -0.02 1.33
CA PRO A 12 -2.93 -1.36 1.58
C PRO A 12 -1.92 -1.81 0.53
N GLY A 13 -1.23 -0.85 -0.05
CA GLY A 13 -0.23 -1.18 -1.03
C GLY A 13 0.94 -0.22 -1.06
N TRP A 14 2.13 -0.78 -1.25
CA TRP A 14 3.38 -0.04 -1.29
C TRP A 14 3.82 0.34 -2.72
N PHE A 15 3.18 -0.23 -3.74
CA PHE A 15 3.61 0.04 -5.13
C PHE A 15 3.03 1.34 -5.68
N LEU A 1 0.48 3.62 -0.61
CA LEU A 1 -0.61 4.41 -1.17
C LEU A 1 -1.43 3.67 -2.25
N VAL A 2 -1.13 2.41 -2.51
CA VAL A 2 -1.92 1.62 -3.47
C VAL A 2 -2.56 0.40 -2.81
N VAL A 3 -2.48 -0.76 -3.45
CA VAL A 3 -3.08 -1.98 -2.88
C VAL A 3 -2.12 -3.18 -3.02
N ILE A 4 -1.01 -2.97 -3.72
CA ILE A 4 -0.02 -4.02 -3.97
C ILE A 4 0.94 -4.15 -2.78
N VAL A 5 1.26 -5.38 -2.40
CA VAL A 5 2.15 -5.65 -1.24
C VAL A 5 1.35 -5.36 0.08
N GLN A 6 2.00 -5.49 1.24
CA GLN A 6 1.35 -5.30 2.55
C GLN A 6 0.50 -4.00 2.67
N ALA A 7 1.15 -2.85 2.90
CA ALA A 7 0.41 -1.58 3.05
C ALA A 7 1.36 -0.40 3.13
N ASP A 8 0.96 0.73 2.55
CA ASP A 8 1.81 1.91 2.54
C ASP A 8 1.44 2.90 3.63
N TRP A 9 1.75 4.17 3.39
CA TRP A 9 1.49 5.26 4.32
C TRP A 9 0.02 5.34 4.73
N ASN A 10 -0.88 4.85 3.88
CA ASN A 10 -2.32 4.96 4.15
C ASN A 10 -3.09 3.79 3.54
N ALA A 11 -2.83 3.53 2.28
CA ALA A 11 -3.50 2.47 1.55
C ALA A 11 -2.76 1.14 1.75
N PRO A 12 -3.38 0.00 1.40
CA PRO A 12 -2.81 -1.33 1.63
C PRO A 12 -1.83 -1.75 0.53
N GLY A 13 -1.18 -0.78 -0.07
CA GLY A 13 -0.22 -1.12 -1.10
C GLY A 13 0.99 -0.22 -1.11
N TRP A 14 2.16 -0.83 -1.19
CA TRP A 14 3.44 -0.14 -1.15
C TRP A 14 3.92 0.35 -2.53
N PHE A 15 3.21 0.02 -3.60
CA PHE A 15 3.68 0.40 -4.93
C PHE A 15 3.42 1.86 -5.24
N LEU A 1 0.66 3.79 -0.40
CA LEU A 1 -0.35 4.67 -0.94
C LEU A 1 -1.15 4.03 -2.09
N VAL A 2 -0.87 2.78 -2.42
CA VAL A 2 -1.60 2.12 -3.49
C VAL A 2 -2.28 0.81 -3.07
N VAL A 3 -1.82 -0.36 -3.58
CA VAL A 3 -2.54 -1.64 -3.28
C VAL A 3 -1.60 -2.87 -3.13
N ILE A 4 -0.48 -2.88 -3.83
CA ILE A 4 0.43 -4.06 -3.85
C ILE A 4 1.43 -4.02 -2.69
N VAL A 5 1.72 -5.19 -2.13
CA VAL A 5 2.64 -5.35 -1.00
C VAL A 5 2.08 -4.73 0.29
N GLN A 6 1.87 -5.61 1.29
CA GLN A 6 1.30 -5.28 2.61
C GLN A 6 0.40 -4.03 2.63
N ALA A 7 0.99 -2.87 2.94
CA ALA A 7 0.25 -1.62 3.01
C ALA A 7 1.23 -0.48 3.14
N ASP A 8 0.84 0.70 2.66
CA ASP A 8 1.74 1.84 2.70
C ASP A 8 1.35 2.82 3.82
N TRP A 9 1.74 4.08 3.66
CA TRP A 9 1.45 5.14 4.63
C TRP A 9 -0.05 5.21 4.98
N ASN A 10 -0.89 4.68 4.11
CA ASN A 10 -2.34 4.72 4.34
C ASN A 10 -3.03 3.57 3.61
N ALA A 11 -2.92 3.59 2.30
CA ALA A 11 -3.51 2.57 1.44
C ALA A 11 -2.91 1.18 1.71
N PRO A 12 -3.54 0.11 1.20
CA PRO A 12 -3.14 -1.26 1.48
C PRO A 12 -2.06 -1.75 0.55
N GLY A 13 -1.28 -0.83 0.01
CA GLY A 13 -0.20 -1.24 -0.84
C GLY A 13 0.85 -0.19 -1.06
N TRP A 14 2.07 -0.64 -1.27
CA TRP A 14 3.18 0.18 -1.57
C TRP A 14 3.26 0.42 -3.07
N PHE A 15 2.81 -0.55 -3.86
CA PHE A 15 2.86 -0.44 -5.31
C PHE A 15 1.48 -0.56 -5.91
N LEU A 1 0.48 3.72 -0.59
CA LEU A 1 -0.62 4.50 -1.10
C LEU A 1 -1.40 3.78 -2.23
N VAL A 2 -1.15 2.50 -2.45
CA VAL A 2 -1.90 1.73 -3.45
C VAL A 2 -2.53 0.46 -2.83
N VAL A 3 -2.41 -0.69 -3.51
CA VAL A 3 -3.01 -1.94 -2.98
C VAL A 3 -2.00 -3.14 -3.00
N ILE A 4 -0.88 -2.98 -3.71
CA ILE A 4 0.12 -4.06 -3.85
C ILE A 4 0.96 -4.24 -2.58
N VAL A 5 1.39 -5.47 -2.31
CA VAL A 5 2.21 -5.82 -1.13
C VAL A 5 1.37 -5.72 0.16
N GLN A 6 1.96 -5.23 1.25
CA GLN A 6 1.28 -5.16 2.53
C GLN A 6 0.44 -3.90 2.68
N ALA A 7 1.08 -2.74 2.87
CA ALA A 7 0.36 -1.48 3.06
C ALA A 7 1.31 -0.32 3.15
N ASP A 8 0.98 0.78 2.50
CA ASP A 8 1.84 1.95 2.51
C ASP A 8 1.46 2.90 3.64
N TRP A 9 1.78 4.18 3.46
CA TRP A 9 1.50 5.22 4.44
C TRP A 9 0.01 5.26 4.83
N ASN A 10 -0.85 4.75 3.97
CA ASN A 10 -2.30 4.80 4.24
C ASN A 10 -3.02 3.63 3.60
N ALA A 11 -2.89 3.51 2.29
CA ALA A 11 -3.53 2.45 1.53
C ALA A 11 -2.79 1.12 1.74
N PRO A 12 -3.41 -0.02 1.37
CA PRO A 12 -2.84 -1.34 1.60
C PRO A 12 -1.83 -1.75 0.53
N GLY A 13 -1.23 -0.78 -0.11
CA GLY A 13 -0.25 -1.08 -1.12
C GLY A 13 0.95 -0.18 -1.13
N TRP A 14 2.11 -0.78 -1.26
CA TRP A 14 3.38 -0.08 -1.28
C TRP A 14 3.85 0.38 -2.68
N PHE A 15 3.19 -0.07 -3.73
CA PHE A 15 3.65 0.25 -5.09
C PHE A 15 3.25 1.66 -5.53
N LEU A 1 0.50 3.71 -0.56
CA LEU A 1 -0.56 4.50 -1.11
C LEU A 1 -1.35 3.78 -2.24
N VAL A 2 -1.08 2.50 -2.45
CA VAL A 2 -1.83 1.72 -3.45
C VAL A 2 -2.47 0.48 -2.83
N VAL A 3 -2.39 -0.68 -3.50
CA VAL A 3 -3.01 -1.92 -2.95
C VAL A 3 -2.00 -3.11 -3.01
N ILE A 4 -0.94 -2.96 -3.79
CA ILE A 4 0.07 -4.04 -3.96
C ILE A 4 0.97 -4.14 -2.71
N VAL A 5 1.34 -5.37 -2.33
CA VAL A 5 2.19 -5.61 -1.14
C VAL A 5 1.38 -5.36 0.16
N GLN A 6 2.04 -5.42 1.33
CA GLN A 6 1.36 -5.24 2.62
C GLN A 6 0.51 -3.97 2.71
N ALA A 7 1.14 -2.80 2.91
CA ALA A 7 0.40 -1.54 3.03
C ALA A 7 1.34 -0.36 3.15
N ASP A 8 0.98 0.76 2.53
CA ASP A 8 1.81 1.94 2.57
C ASP A 8 1.39 2.88 3.69
N TRP A 9 1.72 4.15 3.54
CA TRP A 9 1.43 5.17 4.54
C TRP A 9 -0.06 5.23 4.89
N ASN A 10 -0.92 4.79 3.99
CA ASN A 10 -2.36 4.89 4.24
C ASN A 10 -3.14 3.79 3.55
N ALA A 11 -2.79 3.51 2.32
CA ALA A 11 -3.46 2.49 1.54
C ALA A 11 -2.76 1.13 1.74
N PRO A 12 -3.42 0.02 1.36
CA PRO A 12 -2.90 -1.32 1.59
C PRO A 12 -1.88 -1.75 0.53
N GLY A 13 -1.21 -0.78 -0.05
CA GLY A 13 -0.21 -1.12 -1.05
C GLY A 13 0.98 -0.19 -1.08
N TRP A 14 2.16 -0.76 -1.27
CA TRP A 14 3.41 -0.03 -1.30
C TRP A 14 3.85 0.38 -2.72
N PHE A 15 3.23 -0.16 -3.76
CA PHE A 15 3.69 0.13 -5.13
C PHE A 15 2.94 1.28 -5.77
N LEU A 1 0.59 3.70 -0.51
CA LEU A 1 -0.45 4.53 -1.11
C LEU A 1 -1.32 3.77 -2.13
N VAL A 2 -0.93 2.55 -2.49
CA VAL A 2 -1.70 1.77 -3.47
C VAL A 2 -2.38 0.56 -2.82
N VAL A 3 -2.40 -0.58 -3.51
CA VAL A 3 -3.10 -1.77 -2.99
C VAL A 3 -2.19 -3.01 -3.06
N ILE A 4 -1.05 -2.89 -3.74
CA ILE A 4 -0.14 -4.02 -3.90
C ILE A 4 0.98 -3.99 -2.87
N VAL A 5 1.23 -5.14 -2.22
CA VAL A 5 2.29 -5.29 -1.20
C VAL A 5 1.90 -4.66 0.14
N GLN A 6 1.82 -5.52 1.18
CA GLN A 6 1.43 -5.19 2.55
C GLN A 6 0.55 -3.94 2.69
N ALA A 7 1.16 -2.78 2.97
CA ALA A 7 0.40 -1.56 3.13
C ALA A 7 1.31 -0.35 3.29
N ASP A 8 0.97 0.73 2.61
CA ASP A 8 1.78 1.93 2.65
C ASP A 8 1.32 2.87 3.76
N TRP A 9 1.69 4.13 3.64
CA TRP A 9 1.34 5.17 4.61
C TRP A 9 -0.16 5.16 4.96
N ASN A 10 -0.98 4.77 4.01
CA ASN A 10 -2.43 4.81 4.24
C ASN A 10 -3.13 3.64 3.57
N ALA A 11 -2.92 3.52 2.28
CA ALA A 11 -3.53 2.47 1.50
C ALA A 11 -2.78 1.14 1.71
N PRO A 12 -3.41 0.00 1.35
CA PRO A 12 -2.85 -1.32 1.61
C PRO A 12 -1.84 -1.76 0.56
N GLY A 13 -1.16 -0.82 -0.03
CA GLY A 13 -0.15 -1.18 -1.01
C GLY A 13 1.01 -0.21 -1.09
N TRP A 14 2.20 -0.76 -1.27
CA TRP A 14 3.43 -0.01 -1.39
C TRP A 14 3.83 0.25 -2.86
N PHE A 15 3.23 -0.47 -3.81
CA PHE A 15 3.67 -0.37 -5.21
C PHE A 15 2.91 0.71 -5.98
N LEU A 1 0.48 3.78 -0.46
CA LEU A 1 -0.61 4.60 -0.96
C LEU A 1 -1.38 3.92 -2.11
N VAL A 2 -1.08 2.66 -2.36
CA VAL A 2 -1.76 1.92 -3.44
C VAL A 2 -2.49 0.66 -2.93
N VAL A 3 -2.19 -0.53 -3.49
CA VAL A 3 -2.90 -1.76 -3.09
C VAL A 3 -1.94 -2.99 -3.00
N ILE A 4 -0.92 -2.99 -3.83
CA ILE A 4 0.04 -4.10 -3.90
C ILE A 4 1.09 -4.02 -2.78
N VAL A 5 1.40 -5.18 -2.20
CA VAL A 5 2.39 -5.32 -1.10
C VAL A 5 1.92 -4.67 0.22
N GLN A 6 1.82 -5.53 1.27
CA GLN A 6 1.38 -5.18 2.63
C GLN A 6 0.47 -3.95 2.71
N ALA A 7 1.05 -2.78 2.96
CA ALA A 7 0.29 -1.54 3.08
C ALA A 7 1.23 -0.35 3.24
N ASP A 8 0.95 0.72 2.53
CA ASP A 8 1.79 1.89 2.58
C ASP A 8 1.39 2.81 3.73
N TRP A 9 1.74 4.08 3.62
CA TRP A 9 1.45 5.08 4.65
C TRP A 9 -0.04 5.15 4.99
N ASN A 10 -0.88 4.72 4.06
CA ASN A 10 -2.34 4.77 4.27
C ASN A 10 -3.00 3.58 3.62
N ALA A 11 -2.96 3.55 2.30
CA ALA A 11 -3.56 2.49 1.52
C ALA A 11 -2.84 1.15 1.75
N PRO A 12 -3.45 0.02 1.34
CA PRO A 12 -2.92 -1.31 1.59
C PRO A 12 -1.88 -1.73 0.57
N GLY A 13 -1.25 -0.78 -0.08
CA GLY A 13 -0.23 -1.14 -1.04
C GLY A 13 0.91 -0.16 -1.13
N TRP A 14 2.10 -0.70 -1.33
CA TRP A 14 3.31 0.06 -1.49
C TRP A 14 3.67 0.30 -2.97
N PHE A 15 3.28 -0.62 -3.87
CA PHE A 15 3.69 -0.53 -5.29
C PHE A 15 2.87 0.48 -6.06
N LEU A 1 0.56 3.72 -0.56
CA LEU A 1 -0.49 4.54 -1.14
C LEU A 1 -1.32 3.81 -2.24
N VAL A 2 -1.02 2.53 -2.48
CA VAL A 2 -1.77 1.75 -3.46
C VAL A 2 -2.43 0.52 -2.82
N VAL A 3 -2.43 -0.61 -3.51
CA VAL A 3 -3.09 -1.82 -2.97
C VAL A 3 -2.15 -3.05 -2.99
N ILE A 4 -1.04 -2.94 -3.72
CA ILE A 4 -0.10 -4.06 -3.85
C ILE A 4 1.00 -4.03 -2.79
N VAL A 5 1.24 -5.19 -2.15
CA VAL A 5 2.30 -5.36 -1.14
C VAL A 5 1.93 -4.70 0.21
N GLN A 6 1.78 -5.56 1.24
CA GLN A 6 1.37 -5.21 2.60
C GLN A 6 0.50 -3.96 2.70
N ALA A 7 1.10 -2.80 2.94
CA ALA A 7 0.35 -1.56 3.07
C ALA A 7 1.29 -0.38 3.19
N ASP A 8 0.94 0.73 2.55
CA ASP A 8 1.77 1.91 2.59
C ASP A 8 1.34 2.84 3.71
N TRP A 9 1.71 4.11 3.57
CA TRP A 9 1.41 5.12 4.57
C TRP A 9 -0.09 5.16 4.93
N ASN A 10 -0.95 4.73 4.02
CA ASN A 10 -2.39 4.78 4.27
C ASN A 10 -3.13 3.66 3.55
N ALA A 11 -2.85 3.50 2.28
CA ALA A 11 -3.47 2.48 1.48
C ALA A 11 -2.76 1.14 1.69
N PRO A 12 -3.39 0.02 1.32
CA PRO A 12 -2.86 -1.32 1.57
C PRO A 12 -1.84 -1.76 0.53
N GLY A 13 -1.15 -0.83 -0.05
CA GLY A 13 -0.12 -1.21 -1.00
C GLY A 13 1.03 -0.23 -1.10
N TRP A 14 2.23 -0.78 -1.26
CA TRP A 14 3.46 -0.02 -1.39
C TRP A 14 3.85 0.26 -2.85
N PHE A 15 3.16 -0.34 -3.80
CA PHE A 15 3.54 -0.18 -5.21
C PHE A 15 3.06 1.14 -5.80
N LEU A 1 0.52 3.79 -0.42
CA LEU A 1 -0.54 4.64 -0.96
C LEU A 1 -1.32 3.96 -2.10
N VAL A 2 -1.02 2.69 -2.35
CA VAL A 2 -1.69 1.95 -3.41
C VAL A 2 -2.34 0.65 -2.88
N VAL A 3 -2.15 -0.49 -3.56
CA VAL A 3 -2.83 -1.74 -3.11
C VAL A 3 -1.85 -2.95 -3.08
N ILE A 4 -0.80 -2.89 -3.89
CA ILE A 4 0.15 -4.01 -3.99
C ILE A 4 1.17 -3.98 -2.85
N VAL A 5 1.41 -5.15 -2.25
CA VAL A 5 2.37 -5.33 -1.15
C VAL A 5 1.92 -4.68 0.18
N GLN A 6 1.84 -5.55 1.24
CA GLN A 6 1.36 -5.21 2.59
C GLN A 6 0.49 -3.96 2.69
N ALA A 7 1.11 -2.80 2.95
CA ALA A 7 0.36 -1.56 3.09
C ALA A 7 1.30 -0.39 3.23
N ASP A 8 0.92 0.74 2.63
CA ASP A 8 1.75 1.92 2.68
C ASP A 8 1.31 2.84 3.80
N TRP A 9 1.69 4.11 3.69
CA TRP A 9 1.39 5.13 4.70
C TRP A 9 -0.11 5.21 5.03
N ASN A 10 -0.96 4.75 4.10
CA ASN A 10 -2.40 4.83 4.32
C ASN A 10 -3.14 3.69 3.61
N ALA A 11 -2.86 3.54 2.33
CA ALA A 11 -3.50 2.51 1.53
C ALA A 11 -2.82 1.15 1.75
N PRO A 12 -3.45 0.06 1.32
CA PRO A 12 -2.96 -1.30 1.58
C PRO A 12 -1.90 -1.75 0.58
N GLY A 13 -1.22 -0.80 -0.03
CA GLY A 13 -0.19 -1.16 -0.97
C GLY A 13 0.93 -0.17 -1.10
N TRP A 14 2.11 -0.70 -1.33
CA TRP A 14 3.32 0.06 -1.53
C TRP A 14 3.62 0.28 -3.04
N PHE A 15 3.19 -0.67 -3.87
CA PHE A 15 3.54 -0.63 -5.30
C PHE A 15 2.41 -0.11 -6.14
N LEU A 1 0.55 3.84 -0.45
CA LEU A 1 -0.50 4.68 -0.99
C LEU A 1 -1.26 4.00 -2.15
N VAL A 2 -1.00 2.73 -2.36
CA VAL A 2 -1.65 1.97 -3.42
C VAL A 2 -2.32 0.69 -2.89
N VAL A 3 -2.12 -0.46 -3.54
CA VAL A 3 -2.81 -1.69 -3.13
C VAL A 3 -1.86 -2.92 -3.09
N ILE A 4 -0.78 -2.86 -3.86
CA ILE A 4 0.16 -3.99 -3.96
C ILE A 4 1.21 -3.93 -2.84
N VAL A 5 1.50 -5.10 -2.26
CA VAL A 5 2.46 -5.26 -1.15
C VAL A 5 1.97 -4.63 0.16
N GLN A 6 1.89 -5.49 1.20
CA GLN A 6 1.42 -5.16 2.56
C GLN A 6 0.49 -3.95 2.64
N ALA A 7 1.05 -2.77 2.95
CA ALA A 7 0.25 -1.56 3.09
C ALA A 7 1.16 -0.35 3.28
N ASP A 8 0.90 0.72 2.55
CA ASP A 8 1.74 1.90 2.60
C ASP A 8 1.35 2.83 3.74
N TRP A 9 1.71 4.11 3.60
CA TRP A 9 1.43 5.14 4.59
C TRP A 9 -0.05 5.21 4.97
N ASN A 10 -0.93 4.68 4.12
CA ASN A 10 -2.37 4.72 4.39
C ASN A 10 -3.11 3.61 3.68
N ALA A 11 -2.86 3.51 2.39
CA ALA A 11 -3.49 2.51 1.55
C ALA A 11 -2.86 1.13 1.79
N PRO A 12 -3.51 0.05 1.31
CA PRO A 12 -3.06 -1.31 1.56
C PRO A 12 -1.99 -1.77 0.57
N GLY A 13 -1.27 -0.83 0.02
CA GLY A 13 -0.23 -1.22 -0.91
C GLY A 13 0.87 -0.20 -1.06
N TRP A 14 2.08 -0.69 -1.28
CA TRP A 14 3.26 0.11 -1.50
C TRP A 14 3.57 0.26 -3.01
N PHE A 15 3.18 -0.75 -3.80
CA PHE A 15 3.51 -0.76 -5.23
C PHE A 15 2.41 -0.16 -6.09
N LEU A 1 0.56 3.70 -0.59
CA LEU A 1 -0.53 4.50 -1.14
C LEU A 1 -1.42 3.74 -2.15
N VAL A 2 -1.05 2.51 -2.50
CA VAL A 2 -1.85 1.74 -3.46
C VAL A 2 -2.47 0.49 -2.82
N VAL A 3 -2.43 -0.65 -3.52
CA VAL A 3 -3.05 -1.87 -3.01
C VAL A 3 -2.11 -3.10 -3.07
N ILE A 4 -0.99 -2.93 -3.75
CA ILE A 4 -0.02 -4.04 -3.91
C ILE A 4 1.03 -4.02 -2.80
N VAL A 5 1.27 -5.18 -2.19
CA VAL A 5 2.27 -5.35 -1.11
C VAL A 5 1.81 -4.69 0.22
N GLN A 6 1.62 -5.56 1.25
CA GLN A 6 1.13 -5.21 2.60
C GLN A 6 0.34 -3.90 2.71
N ALA A 7 1.02 -2.77 2.96
CA ALA A 7 0.33 -1.49 3.10
C ALA A 7 1.31 -0.34 3.20
N ASP A 8 0.99 0.76 2.54
CA ASP A 8 1.86 1.92 2.52
C ASP A 8 1.52 2.90 3.64
N TRP A 9 1.78 4.18 3.40
CA TRP A 9 1.50 5.24 4.36
C TRP A 9 0.02 5.26 4.76
N ASN A 10 -0.84 4.69 3.93
CA ASN A 10 -2.28 4.70 4.20
C ASN A 10 -2.95 3.48 3.59
N ALA A 11 -2.94 3.42 2.28
CA ALA A 11 -3.57 2.35 1.54
C ALA A 11 -2.78 1.04 1.71
N PRO A 12 -3.38 -0.12 1.35
CA PRO A 12 -2.79 -1.44 1.56
C PRO A 12 -1.80 -1.82 0.48
N GLY A 13 -1.15 -0.86 -0.10
CA GLY A 13 -0.16 -1.16 -1.10
C GLY A 13 1.01 -0.22 -1.14
N TRP A 14 2.19 -0.81 -1.17
CA TRP A 14 3.45 -0.10 -1.22
C TRP A 14 3.88 0.24 -2.66
N PHE A 15 3.11 -0.19 -3.65
CA PHE A 15 3.50 0.06 -5.05
C PHE A 15 3.12 1.46 -5.51
N LEU A 1 0.40 3.84 -0.48
CA LEU A 1 -0.72 4.60 -0.96
C LEU A 1 -1.43 3.91 -2.14
N VAL A 2 -1.09 2.66 -2.39
CA VAL A 2 -1.73 1.89 -3.45
C VAL A 2 -2.35 0.61 -2.90
N VAL A 3 -2.23 -0.53 -3.60
CA VAL A 3 -2.88 -1.78 -3.15
C VAL A 3 -1.89 -2.99 -3.16
N ILE A 4 -0.75 -2.83 -3.79
CA ILE A 4 0.23 -3.92 -3.92
C ILE A 4 1.21 -3.94 -2.75
N VAL A 5 1.39 -5.12 -2.16
CA VAL A 5 2.30 -5.35 -1.03
C VAL A 5 1.84 -4.65 0.27
N GLN A 6 1.65 -5.49 1.33
CA GLN A 6 1.15 -5.11 2.65
C GLN A 6 0.31 -3.83 2.69
N ALA A 7 0.96 -2.68 2.95
CA ALA A 7 0.25 -1.41 3.03
C ALA A 7 1.23 -0.27 3.16
N ASP A 8 0.95 0.82 2.48
CA ASP A 8 1.84 1.97 2.49
C ASP A 8 1.52 2.88 3.67
N TRP A 9 1.77 4.17 3.49
CA TRP A 9 1.51 5.19 4.50
C TRP A 9 0.06 5.13 4.99
N ASN A 10 -0.84 4.60 4.17
CA ASN A 10 -2.26 4.51 4.53
C ASN A 10 -2.97 3.38 3.78
N ALA A 11 -2.91 3.44 2.46
CA ALA A 11 -3.54 2.43 1.61
C ALA A 11 -2.84 1.07 1.76
N PRO A 12 -3.48 -0.03 1.28
CA PRO A 12 -2.97 -1.39 1.47
C PRO A 12 -1.92 -1.78 0.44
N GLY A 13 -1.23 -0.82 -0.09
CA GLY A 13 -0.19 -1.13 -1.04
C GLY A 13 0.95 -0.15 -1.10
N TRP A 14 2.14 -0.69 -1.29
CA TRP A 14 3.36 0.07 -1.42
C TRP A 14 3.75 0.29 -2.91
N PHE A 15 3.26 -0.56 -3.81
CA PHE A 15 3.69 -0.51 -5.22
C PHE A 15 2.62 0.03 -6.15
N LEU A 1 0.54 3.79 -0.44
CA LEU A 1 -0.53 4.63 -0.98
C LEU A 1 -1.31 3.92 -2.09
N VAL A 2 -1.04 2.64 -2.30
CA VAL A 2 -1.71 1.87 -3.34
C VAL A 2 -2.32 0.58 -2.78
N VAL A 3 -2.23 -0.54 -3.49
CA VAL A 3 -2.86 -1.80 -3.02
C VAL A 3 -1.87 -2.99 -3.09
N ILE A 4 -0.79 -2.82 -3.84
CA ILE A 4 0.20 -3.91 -4.03
C ILE A 4 1.19 -3.98 -2.87
N VAL A 5 1.35 -5.18 -2.32
CA VAL A 5 2.29 -5.46 -1.21
C VAL A 5 1.89 -4.78 0.12
N GLN A 6 1.76 -5.62 1.17
CA GLN A 6 1.38 -5.24 2.54
C GLN A 6 0.52 -3.99 2.67
N ALA A 7 1.13 -2.82 2.91
CA ALA A 7 0.38 -1.58 3.08
C ALA A 7 1.31 -0.38 3.22
N ASP A 8 0.94 0.74 2.63
CA ASP A 8 1.77 1.93 2.67
C ASP A 8 1.34 2.87 3.79
N TRP A 9 1.69 4.14 3.64
CA TRP A 9 1.39 5.18 4.63
C TRP A 9 -0.12 5.27 4.94
N ASN A 10 -0.94 4.79 4.02
CA ASN A 10 -2.39 4.89 4.19
C ASN A 10 -3.11 3.71 3.55
N ALA A 11 -2.96 3.59 2.25
CA ALA A 11 -3.58 2.52 1.49
C ALA A 11 -2.85 1.19 1.74
N PRO A 12 -3.46 0.04 1.37
CA PRO A 12 -2.94 -1.28 1.67
C PRO A 12 -1.92 -1.75 0.63
N GLY A 13 -1.21 -0.83 0.05
CA GLY A 13 -0.20 -1.21 -0.92
C GLY A 13 0.93 -0.23 -1.03
N TRP A 14 2.11 -0.77 -1.29
CA TRP A 14 3.32 -0.01 -1.45
C TRP A 14 3.67 0.29 -2.92
N PHE A 15 3.21 -0.56 -3.86
CA PHE A 15 3.61 -0.42 -5.26
C PHE A 15 2.51 0.13 -6.13
N LEU A 1 0.45 3.66 -0.59
CA LEU A 1 -0.67 4.42 -1.10
C LEU A 1 -1.47 3.67 -2.18
N VAL A 2 -1.09 2.45 -2.51
CA VAL A 2 -1.85 1.66 -3.49
C VAL A 2 -2.49 0.43 -2.83
N VAL A 3 -2.45 -0.71 -3.50
CA VAL A 3 -3.07 -1.94 -2.95
C VAL A 3 -2.13 -3.15 -3.16
N ILE A 4 -0.93 -2.87 -3.65
CA ILE A 4 0.05 -3.92 -3.92
C ILE A 4 1.07 -4.02 -2.79
N VAL A 5 1.17 -5.19 -2.21
CA VAL A 5 2.12 -5.48 -1.11
C VAL A 5 1.73 -4.78 0.21
N GLN A 6 1.55 -5.62 1.26
CA GLN A 6 1.16 -5.22 2.61
C GLN A 6 0.37 -3.91 2.70
N ALA A 7 1.06 -2.79 2.96
CA ALA A 7 0.36 -1.51 3.08
C ALA A 7 1.32 -0.34 3.20
N ASP A 8 1.02 0.74 2.50
CA ASP A 8 1.86 1.92 2.50
C ASP A 8 1.48 2.88 3.62
N TRP A 9 1.79 4.15 3.41
CA TRP A 9 1.53 5.20 4.38
C TRP A 9 0.04 5.31 4.77
N ASN A 10 -0.84 4.73 3.95
CA ASN A 10 -2.29 4.84 4.23
C ASN A 10 -3.09 3.71 3.58
N ALA A 11 -2.78 3.39 2.35
CA ALA A 11 -3.47 2.36 1.60
C ALA A 11 -2.72 1.02 1.73
N PRO A 12 -3.36 -0.11 1.36
CA PRO A 12 -2.80 -1.44 1.54
C PRO A 12 -1.82 -1.84 0.46
N GLY A 13 -1.14 -0.87 -0.10
CA GLY A 13 -0.15 -1.17 -1.10
C GLY A 13 1.01 -0.22 -1.12
N TRP A 14 2.19 -0.78 -1.22
CA TRP A 14 3.45 -0.04 -1.22
C TRP A 14 3.92 0.37 -2.63
N PHE A 15 3.25 -0.10 -3.67
CA PHE A 15 3.73 0.18 -5.02
C PHE A 15 3.07 1.42 -5.62
N LEU A 1 0.57 3.86 -0.43
CA LEU A 1 -0.49 4.68 -0.97
C LEU A 1 -1.23 3.99 -2.11
N VAL A 2 -0.94 2.72 -2.32
CA VAL A 2 -1.59 1.97 -3.39
C VAL A 2 -2.25 0.68 -2.86
N VAL A 3 -2.13 -0.44 -3.56
CA VAL A 3 -2.85 -1.67 -3.13
C VAL A 3 -1.93 -2.91 -3.11
N ILE A 4 -0.84 -2.88 -3.85
CA ILE A 4 0.08 -4.02 -3.93
C ILE A 4 1.16 -3.95 -2.85
N VAL A 5 1.47 -5.09 -2.25
CA VAL A 5 2.49 -5.21 -1.19
C VAL A 5 2.02 -4.60 0.15
N GLN A 6 1.83 -5.48 1.16
CA GLN A 6 1.35 -5.17 2.51
C GLN A 6 0.46 -3.92 2.62
N ALA A 7 1.06 -2.76 2.91
CA ALA A 7 0.30 -1.53 3.06
C ALA A 7 1.24 -0.35 3.22
N ASP A 8 0.89 0.77 2.62
CA ASP A 8 1.76 1.94 2.66
C ASP A 8 1.36 2.89 3.78
N TRP A 9 1.67 4.18 3.58
CA TRP A 9 1.39 5.23 4.56
C TRP A 9 -0.09 5.24 4.97
N ASN A 10 -0.95 4.67 4.14
CA ASN A 10 -2.39 4.65 4.43
C ASN A 10 -3.07 3.50 3.70
N ALA A 11 -2.95 3.52 2.38
CA ALA A 11 -3.55 2.51 1.53
C ALA A 11 -2.88 1.13 1.75
N PRO A 12 -3.52 0.03 1.30
CA PRO A 12 -3.03 -1.32 1.55
C PRO A 12 -1.98 -1.77 0.56
N GLY A 13 -1.23 -0.84 0.02
CA GLY A 13 -0.18 -1.23 -0.89
C GLY A 13 0.93 -0.21 -1.04
N TRP A 14 2.14 -0.70 -1.26
CA TRP A 14 3.30 0.10 -1.50
C TRP A 14 3.61 0.23 -3.01
N PHE A 15 3.17 -0.77 -3.81
CA PHE A 15 3.53 -0.81 -5.25
C PHE A 15 2.40 -0.27 -6.12
N LEU A 1 0.47 3.83 -0.45
CA LEU A 1 -0.64 4.63 -0.93
C LEU A 1 -1.32 4.00 -2.15
N VAL A 2 -0.98 2.77 -2.46
CA VAL A 2 -1.60 2.09 -3.59
C VAL A 2 -2.37 0.83 -3.18
N VAL A 3 -1.90 -0.36 -3.61
CA VAL A 3 -2.66 -1.62 -3.33
C VAL A 3 -1.73 -2.85 -3.18
N ILE A 4 -0.60 -2.84 -3.87
CA ILE A 4 0.32 -4.00 -3.88
C ILE A 4 1.32 -3.96 -2.72
N VAL A 5 1.56 -5.12 -2.12
CA VAL A 5 2.48 -5.28 -0.98
C VAL A 5 1.97 -4.62 0.31
N GLN A 6 1.71 -5.48 1.32
CA GLN A 6 1.20 -5.12 2.65
C GLN A 6 0.34 -3.85 2.71
N ALA A 7 0.97 -2.71 3.00
CA ALA A 7 0.24 -1.44 3.11
C ALA A 7 1.22 -0.30 3.24
N ASP A 8 0.95 0.79 2.53
CA ASP A 8 1.85 1.94 2.55
C ASP A 8 1.50 2.86 3.71
N TRP A 9 1.76 4.14 3.53
CA TRP A 9 1.49 5.16 4.55
C TRP A 9 0.03 5.09 5.04
N ASN A 10 -0.86 4.54 4.20
CA ASN A 10 -2.28 4.44 4.55
C ASN A 10 -2.98 3.35 3.75
N ALA A 11 -2.89 3.44 2.44
CA ALA A 11 -3.50 2.47 1.54
C ALA A 11 -2.87 1.07 1.72
N PRO A 12 -3.50 0.01 1.20
CA PRO A 12 -3.07 -1.37 1.42
C PRO A 12 -1.98 -1.79 0.46
N GLY A 13 -1.25 -0.84 -0.07
CA GLY A 13 -0.18 -1.20 -0.95
C GLY A 13 0.89 -0.17 -1.13
N TRP A 14 2.11 -0.64 -1.23
CA TRP A 14 3.26 0.15 -1.48
C TRP A 14 3.48 0.33 -2.99
N PHE A 15 3.07 -0.68 -3.77
CA PHE A 15 3.21 -0.65 -5.22
C PHE A 15 1.86 -0.48 -5.88
#